data_1UUJ
#
_entry.id   1UUJ
#
_cell.length_a   62.988
_cell.length_b   111.753
_cell.length_c   47.397
_cell.angle_alpha   90.00
_cell.angle_beta   90.00
_cell.angle_gamma   90.00
#
_symmetry.space_group_name_H-M   'P 21 21 2'
#
loop_
_entity.id
_entity.type
_entity.pdbx_description
1 polymer 'PLATELET-ACTIVATING FACTOR ACETYLHYDROLASE IB ALPHA SUBUNIT'
2 non-polymer 'SULFATE ION'
3 non-polymer 'ACETATE ION'
4 non-polymer 'BENZOIC ACID'
5 water water
#
_entity_poly.entity_id   1
_entity_poly.type   'polypeptide(L)'
_entity_poly.pdbx_seq_one_letter_code
;GA(MSE)VLSQRQRDELNRAIADYLRSNGYEEAYSVFKKEAELD(MSE)NEELDKKYAGLLEKKWTSVIRLQKKV(MSE)
ELESKLNEAKEEFTSGGPLG
;
_entity_poly.pdbx_strand_id   A,B,C,D
#
# COMPACT_ATOMS: atom_id res chain seq x y z
N VAL A 4 -24.90 13.72 15.92
CA VAL A 4 -24.22 12.41 15.77
C VAL A 4 -24.43 11.99 14.33
N LEU A 5 -23.42 11.39 13.69
CA LEU A 5 -23.63 11.04 12.30
C LEU A 5 -24.72 10.03 12.05
N SER A 6 -25.43 10.27 10.94
CA SER A 6 -26.38 9.31 10.43
C SER A 6 -25.62 8.11 9.98
N GLN A 7 -26.34 6.99 9.91
CA GLN A 7 -25.71 5.79 9.37
C GLN A 7 -25.26 6.06 7.94
N ARG A 8 -26.05 6.77 7.14
CA ARG A 8 -25.60 7.08 5.78
C ARG A 8 -24.22 7.73 5.76
N GLN A 9 -24.08 8.80 6.53
CA GLN A 9 -22.88 9.60 6.57
C GLN A 9 -21.75 8.76 7.22
N ARG A 10 -21.98 7.96 8.25
CA ARG A 10 -20.96 7.13 8.88
C ARG A 10 -20.48 6.11 7.86
N ASP A 11 -21.38 5.57 7.04
CA ASP A 11 -20.92 4.62 6.03
C ASP A 11 -20.01 5.19 4.98
N GLU A 12 -20.30 6.43 4.60
CA GLU A 12 -19.49 7.14 3.62
C GLU A 12 -18.14 7.45 4.23
N LEU A 13 -18.13 7.90 5.48
CA LEU A 13 -16.89 8.19 6.16
C LEU A 13 -16.00 6.94 6.26
N ASN A 14 -16.65 5.85 6.64
CA ASN A 14 -15.94 4.56 6.82
C ASN A 14 -15.36 4.10 5.47
N ARG A 15 -16.09 4.27 4.38
CA ARG A 15 -15.57 3.83 3.08
C ARG A 15 -14.41 4.72 2.71
N ALA A 16 -14.51 6.02 3.03
CA ALA A 16 -13.39 6.92 2.74
C ALA A 16 -12.14 6.56 3.52
N ILE A 17 -12.30 6.18 4.79
CA ILE A 17 -11.17 5.76 5.63
C ILE A 17 -10.57 4.46 5.04
N ALA A 18 -11.41 3.51 4.72
CA ALA A 18 -10.95 2.25 4.17
C ALA A 18 -10.10 2.53 2.93
N ASP A 19 -10.59 3.33 1.98
CA ASP A 19 -9.90 3.64 0.73
C ASP A 19 -8.57 4.34 1.04
N TYR A 20 -8.53 5.24 1.97
CA TYR A 20 -7.29 5.95 2.38
C TYR A 20 -6.24 4.93 2.85
N LEU A 21 -6.69 4.03 3.73
CA LEU A 21 -5.76 3.01 4.29
C LEU A 21 -5.20 2.14 3.16
N ARG A 22 -6.02 1.70 2.21
CA ARG A 22 -5.52 0.84 1.14
C ARG A 22 -4.59 1.63 0.23
N SER A 23 -5.01 2.83 -0.14
CA SER A 23 -4.26 3.47 -1.21
C SER A 23 -2.93 4.04 -0.67
N ASN A 24 -2.83 4.27 0.65
CA ASN A 24 -1.64 4.92 1.22
C ASN A 24 -0.74 3.87 1.83
N GLY A 25 -1.01 2.56 1.67
CA GLY A 25 -0.11 1.55 2.13
C GLY A 25 -0.28 0.89 3.49
N TYR A 26 -1.31 1.29 4.24
CA TYR A 26 -1.64 0.75 5.53
C TYR A 26 -2.50 -0.48 5.31
N GLU A 27 -1.91 -1.52 4.74
CA GLU A 27 -2.67 -2.70 4.30
C GLU A 27 -3.20 -3.63 5.39
N GLU A 28 -2.39 -3.76 6.45
CA GLU A 28 -2.81 -4.54 7.57
C GLU A 28 -3.99 -3.85 8.23
N ALA A 29 -3.91 -2.52 8.37
CA ALA A 29 -4.99 -1.77 9.01
C ALA A 29 -6.23 -1.81 8.14
N TYR A 30 -6.08 -1.73 6.82
CA TYR A 30 -7.21 -1.82 5.87
C TYR A 30 -8.00 -3.09 6.06
N SER A 31 -7.28 -4.21 6.06
CA SER A 31 -7.90 -5.52 6.22
C SER A 31 -8.72 -5.63 7.51
N VAL A 32 -8.08 -5.21 8.60
CA VAL A 32 -8.67 -5.28 9.92
C VAL A 32 -9.86 -4.35 10.06
N PHE A 33 -9.69 -3.13 9.56
CA PHE A 33 -10.75 -2.14 9.61
C PHE A 33 -11.96 -2.61 8.80
N LYS A 34 -11.79 -3.17 7.59
CA LYS A 34 -13.05 -3.60 6.95
C LYS A 34 -13.82 -4.68 7.73
N LYS A 35 -13.09 -5.58 8.37
CA LYS A 35 -13.66 -6.61 9.26
C LYS A 35 -14.37 -5.99 10.43
N GLU A 36 -13.67 -5.09 11.13
CA GLU A 36 -14.28 -4.47 12.32
C GLU A 36 -15.42 -3.56 12.02
N ALA A 37 -15.34 -2.71 11.01
CA ALA A 37 -16.37 -1.81 10.59
C ALA A 37 -17.44 -2.51 9.76
N GLU A 38 -17.25 -3.78 9.48
CA GLU A 38 -18.23 -4.61 8.74
C GLU A 38 -18.53 -3.93 7.40
N LEU A 39 -17.47 -3.82 6.61
CA LEU A 39 -17.52 -3.13 5.33
C LEU A 39 -16.93 -3.99 4.20
N ASP A 40 -17.60 -4.00 3.06
CA ASP A 40 -17.14 -4.69 1.85
C ASP A 40 -16.75 -3.59 0.86
N ASN A 42 -15.25 -2.80 -3.19
CA ASN A 42 -15.16 -3.39 -4.55
C ASN A 42 -14.34 -2.44 -5.46
N GLU A 43 -14.07 -2.76 -6.73
CA GLU A 43 -13.36 -1.83 -7.60
C GLU A 43 -14.16 -0.55 -7.81
N GLU A 44 -15.48 -0.66 -7.88
CA GLU A 44 -16.29 0.55 -8.03
C GLU A 44 -16.14 1.57 -6.90
N LEU A 45 -16.33 1.05 -5.69
CA LEU A 45 -16.17 1.80 -4.46
C LEU A 45 -14.75 2.29 -4.30
N ASP A 46 -13.77 1.45 -4.61
CA ASP A 46 -12.36 1.83 -4.56
C ASP A 46 -12.16 3.09 -5.41
N LYS A 47 -12.71 3.11 -6.62
CA LYS A 47 -12.54 4.27 -7.50
C LYS A 47 -13.33 5.48 -6.99
N LYS A 48 -14.56 5.29 -6.52
CA LYS A 48 -15.41 6.37 -6.08
C LYS A 48 -14.87 7.11 -4.85
N TYR A 49 -14.27 6.35 -3.91
CA TYR A 49 -13.73 6.90 -2.65
C TYR A 49 -12.24 7.17 -2.74
N ALA A 50 -11.62 6.98 -3.89
CA ALA A 50 -10.20 7.20 -4.04
C ALA A 50 -9.85 8.65 -3.77
N GLY A 51 -8.98 8.93 -2.81
CA GLY A 51 -8.50 10.26 -2.50
C GLY A 51 -9.45 11.10 -1.69
N LEU A 52 -10.65 10.58 -1.40
CA LEU A 52 -11.65 11.40 -0.77
C LEU A 52 -11.34 11.85 0.65
N LEU A 53 -10.86 10.96 1.50
CA LEU A 53 -10.61 11.39 2.87
C LEU A 53 -9.53 12.46 2.89
N GLU A 54 -8.47 12.25 2.13
CA GLU A 54 -7.35 13.18 2.06
C GLU A 54 -7.78 14.52 1.47
N LYS A 55 -8.63 14.43 0.44
CA LYS A 55 -9.23 15.59 -0.22
C LYS A 55 -9.99 16.45 0.79
N LYS A 56 -10.91 15.84 1.53
CA LYS A 56 -11.76 16.52 2.50
C LYS A 56 -10.90 17.08 3.60
N TRP A 57 -9.92 16.32 4.10
CA TRP A 57 -9.10 16.80 5.21
C TRP A 57 -8.45 18.16 4.93
N THR A 58 -8.11 18.45 3.68
CA THR A 58 -7.38 19.62 3.17
C THR A 58 -8.30 20.64 2.52
N SER A 59 -9.62 20.50 2.69
CA SER A 59 -10.52 21.30 1.89
C SER A 59 -11.15 22.53 2.56
N VAL A 60 -11.05 22.73 3.87
CA VAL A 60 -11.83 23.77 4.56
C VAL A 60 -11.58 25.17 3.98
N ILE A 61 -10.31 25.57 3.89
CA ILE A 61 -10.04 26.93 3.41
C ILE A 61 -10.39 27.11 1.94
N ARG A 62 -10.08 26.10 1.13
CA ARG A 62 -10.42 26.14 -0.26
C ARG A 62 -11.93 26.28 -0.48
N LEU A 63 -12.68 25.56 0.34
CA LEU A 63 -14.14 25.62 0.19
C LEU A 63 -14.69 26.93 0.75
N GLN A 64 -14.18 27.49 1.84
CA GLN A 64 -14.60 28.80 2.35
C GLN A 64 -14.35 29.83 1.24
N LYS A 65 -13.18 29.76 0.64
CA LYS A 65 -12.79 30.66 -0.45
C LYS A 65 -13.79 30.51 -1.60
N LYS A 66 -14.21 29.29 -1.94
CA LYS A 66 -15.10 29.06 -3.07
C LYS A 66 -16.49 29.59 -2.75
N VAL A 67 -16.98 29.35 -1.54
CA VAL A 67 -18.24 29.93 -1.09
C VAL A 67 -18.23 31.46 -1.33
N GLU A 69 -16.21 33.35 -3.25
CA GLU A 69 -16.10 33.63 -4.69
C GLU A 69 -17.43 33.49 -5.42
N LEU A 70 -18.19 32.48 -5.05
CA LEU A 70 -19.51 32.23 -5.63
C LEU A 70 -20.49 33.29 -5.18
N GLU A 71 -20.54 33.58 -3.89
CA GLU A 71 -21.39 34.66 -3.42
C GLU A 71 -21.04 35.96 -4.13
N SER A 72 -19.75 36.26 -4.35
CA SER A 72 -19.37 37.47 -5.10
C SER A 72 -19.80 37.47 -6.59
N LYS A 73 -19.82 36.31 -7.24
CA LYS A 73 -20.28 36.15 -8.62
C LYS A 73 -21.76 36.49 -8.59
N LEU A 74 -22.50 35.91 -7.64
CA LEU A 74 -23.91 36.24 -7.48
C LEU A 74 -24.14 37.72 -7.12
N ASN A 75 -23.26 38.36 -6.35
CA ASN A 75 -23.48 39.75 -5.90
C ASN A 75 -23.34 40.72 -7.06
N GLU A 76 -22.29 40.54 -7.85
CA GLU A 76 -21.98 41.38 -9.01
C GLU A 76 -22.94 41.09 -10.17
N ALA A 77 -23.51 39.89 -10.19
CA ALA A 77 -24.46 39.44 -11.21
C ALA A 77 -25.87 40.01 -11.06
N LYS A 78 -26.24 40.63 -9.93
CA LYS A 78 -27.56 41.27 -9.84
C LYS A 78 -27.26 42.74 -9.55
N GLU A 79 -26.12 43.28 -9.98
CA GLU A 79 -25.63 44.58 -9.49
C GLU A 79 -25.91 45.65 -10.53
N VAL B 4 -0.99 16.51 -2.91
CA VAL B 4 -0.13 16.09 -1.74
C VAL B 4 -0.55 16.68 -0.36
N LEU B 5 -0.31 15.88 0.68
CA LEU B 5 -0.38 16.19 2.10
C LEU B 5 1.06 16.33 2.54
N SER B 6 1.33 17.41 3.24
CA SER B 6 2.62 17.56 3.90
C SER B 6 2.74 16.57 5.04
N GLN B 7 3.94 16.31 5.52
CA GLN B 7 4.06 15.36 6.62
C GLN B 7 3.27 15.81 7.85
N ARG B 8 3.22 17.12 8.10
CA ARG B 8 2.39 17.63 9.21
C ARG B 8 0.90 17.34 9.04
N GLN B 9 0.36 17.57 7.84
CA GLN B 9 -1.04 17.28 7.57
C GLN B 9 -1.24 15.77 7.73
N ARG B 10 -0.26 15.00 7.28
CA ARG B 10 -0.46 13.52 7.27
C ARG B 10 -0.45 12.98 8.70
N ASP B 11 0.47 13.49 9.51
CA ASP B 11 0.55 13.04 10.89
C ASP B 11 -0.71 13.50 11.61
N GLU B 12 -1.25 14.68 11.37
CA GLU B 12 -2.51 15.10 12.01
C GLU B 12 -3.66 14.23 11.54
N LEU B 13 -3.75 13.97 10.25
CA LEU B 13 -4.81 13.15 9.66
C LEU B 13 -4.73 11.75 10.28
N ASN B 14 -3.56 11.17 10.34
CA ASN B 14 -3.45 9.82 10.91
C ASN B 14 -3.78 9.79 12.38
N ARG B 15 -3.38 10.80 13.16
CA ARG B 15 -3.79 10.81 14.56
C ARG B 15 -5.29 10.89 14.72
N ALA B 16 -5.90 11.66 13.82
CA ALA B 16 -7.36 11.81 13.79
C ALA B 16 -8.03 10.49 13.42
N ILE B 17 -7.47 9.75 12.45
CA ILE B 17 -7.98 8.46 12.11
C ILE B 17 -7.83 7.53 13.33
N ALA B 18 -6.66 7.49 13.95
CA ALA B 18 -6.42 6.65 15.12
C ALA B 18 -7.47 6.89 16.20
N ASP B 19 -7.74 8.13 16.58
CA ASP B 19 -8.73 8.56 17.56
C ASP B 19 -10.10 8.07 17.16
N TYR B 20 -10.47 8.23 15.88
CA TYR B 20 -11.70 7.73 15.35
C TYR B 20 -11.85 6.18 15.52
N LEU B 21 -10.78 5.44 15.22
CA LEU B 21 -10.89 4.00 15.29
C LEU B 21 -11.14 3.57 16.73
N ARG B 22 -10.40 4.13 17.67
CA ARG B 22 -10.62 3.80 19.10
C ARG B 22 -12.00 4.19 19.60
N SER B 23 -12.39 5.39 19.21
CA SER B 23 -13.58 6.01 19.72
C SER B 23 -14.79 5.17 19.31
N ASN B 24 -14.77 4.59 18.12
CA ASN B 24 -15.77 3.72 17.51
C ASN B 24 -15.71 2.29 17.87
N GLY B 25 -14.69 1.95 18.64
CA GLY B 25 -14.53 0.64 19.23
C GLY B 25 -13.79 -0.34 18.37
N TYR B 26 -13.13 0.16 17.34
CA TYR B 26 -12.31 -0.69 16.44
C TYR B 26 -10.93 -0.76 17.00
N GLU B 27 -10.79 -1.38 18.15
CA GLU B 27 -9.56 -1.37 18.92
C GLU B 27 -8.49 -2.18 18.18
N GLU B 28 -8.84 -3.26 17.50
CA GLU B 28 -7.81 -3.98 16.74
C GLU B 28 -7.29 -3.14 15.56
N ALA B 29 -8.18 -2.53 14.81
CA ALA B 29 -7.78 -1.64 13.72
C ALA B 29 -6.92 -0.50 14.30
N TYR B 30 -7.27 0.08 15.45
CA TYR B 30 -6.51 1.13 16.09
C TYR B 30 -5.10 0.63 16.39
N SER B 31 -4.94 -0.53 17.00
CA SER B 31 -3.66 -1.12 17.32
C SER B 31 -2.75 -1.30 16.10
N VAL B 32 -3.36 -1.94 15.11
CA VAL B 32 -2.64 -2.23 13.93
C VAL B 32 -2.20 -0.96 13.22
N PHE B 33 -3.11 0.02 13.16
CA PHE B 33 -2.86 1.25 12.42
C PHE B 33 -1.78 2.09 13.14
N LYS B 34 -1.80 2.15 14.47
CA LYS B 34 -0.77 2.87 15.22
C LYS B 34 0.57 2.28 14.90
N LYS B 35 0.68 0.96 14.80
CA LYS B 35 1.97 0.41 14.49
C LYS B 35 2.41 0.70 13.06
N GLU B 36 1.49 0.51 12.11
CA GLU B 36 1.78 0.72 10.70
C GLU B 36 2.11 2.15 10.34
N ALA B 37 1.47 3.08 11.03
CA ALA B 37 1.66 4.52 10.80
C ALA B 37 2.71 5.08 11.76
N GLU B 38 3.24 4.21 12.61
CA GLU B 38 4.27 4.54 13.60
C GLU B 38 3.93 5.79 14.39
N LEU B 39 2.74 5.70 14.97
CA LEU B 39 2.11 6.76 15.75
C LEU B 39 2.36 6.43 17.20
N ASP B 40 2.95 7.42 17.82
CA ASP B 40 3.21 7.30 19.25
C ASP B 40 2.23 8.34 19.69
N ASN B 42 -0.52 8.83 23.02
CA ASN B 42 -1.01 8.32 24.30
C ASN B 42 -2.37 9.01 24.47
N GLU B 43 -3.03 8.66 25.58
CA GLU B 43 -4.35 9.21 25.86
C GLU B 43 -4.37 10.71 26.19
N GLU B 44 -3.22 11.25 26.60
CA GLU B 44 -3.09 12.69 26.80
C GLU B 44 -3.08 13.53 25.50
N LEU B 45 -2.20 13.14 24.59
CA LEU B 45 -2.17 13.76 23.27
C LEU B 45 -3.51 13.62 22.57
N ASP B 46 -4.10 12.44 22.75
CA ASP B 46 -5.37 12.12 22.11
C ASP B 46 -6.49 13.11 22.37
N LYS B 47 -6.49 13.73 23.55
CA LYS B 47 -7.46 14.72 23.96
C LYS B 47 -7.57 15.83 22.90
N LYS B 48 -6.44 16.20 22.30
CA LYS B 48 -6.42 17.24 21.26
C LYS B 48 -7.07 16.79 19.94
N TYR B 49 -7.24 15.48 19.78
CA TYR B 49 -7.72 14.83 18.54
C TYR B 49 -9.11 14.21 18.67
N ALA B 50 -9.70 14.34 19.86
CA ALA B 50 -10.94 13.61 20.13
C ALA B 50 -12.00 14.21 19.23
N GLY B 51 -12.64 13.32 18.50
CA GLY B 51 -13.71 13.77 17.61
C GLY B 51 -13.29 14.59 16.40
N LEU B 52 -12.00 14.76 16.14
CA LEU B 52 -11.50 15.68 15.13
C LEU B 52 -11.84 15.18 13.72
N LEU B 53 -11.74 13.88 13.43
CA LEU B 53 -12.05 13.44 12.08
C LEU B 53 -13.50 13.69 11.70
N GLU B 54 -14.44 13.36 12.60
CA GLU B 54 -15.86 13.55 12.37
C GLU B 54 -16.15 15.02 12.21
N LYS B 55 -15.48 15.83 13.00
CA LYS B 55 -15.70 17.26 12.97
C LYS B 55 -15.34 17.84 11.61
N LYS B 56 -14.14 17.47 11.15
CA LYS B 56 -13.64 17.92 9.87
C LYS B 56 -14.50 17.42 8.73
N TRP B 57 -14.92 16.17 8.75
CA TRP B 57 -15.73 15.61 7.72
C TRP B 57 -17.04 16.42 7.66
N THR B 58 -17.66 16.63 8.81
CA THR B 58 -18.98 17.27 8.86
C THR B 58 -18.80 18.72 8.41
N SER B 59 -17.77 19.44 8.84
CA SER B 59 -17.53 20.82 8.39
C SER B 59 -17.43 20.92 6.86
N VAL B 60 -16.71 20.00 6.25
CA VAL B 60 -16.48 20.02 4.80
C VAL B 60 -17.74 19.66 4.02
N ILE B 61 -18.49 18.68 4.50
CA ILE B 61 -19.71 18.34 3.78
C ILE B 61 -20.65 19.53 3.81
N ARG B 62 -20.69 20.27 4.92
CA ARG B 62 -21.59 21.41 5.03
C ARG B 62 -21.15 22.51 4.06
N LEU B 63 -19.85 22.72 3.94
CA LEU B 63 -19.33 23.69 2.98
C LEU B 63 -19.63 23.22 1.56
N GLN B 64 -19.49 21.92 1.34
CA GLN B 64 -19.74 21.39 -0.03
C GLN B 64 -21.20 21.62 -0.39
N LYS B 65 -22.09 21.48 0.58
CA LYS B 65 -23.52 21.67 0.34
C LYS B 65 -23.80 23.13 0.04
N LYS B 66 -23.04 24.02 0.66
CA LYS B 66 -23.25 25.44 0.41
C LYS B 66 -22.76 25.78 -0.99
N VAL B 67 -21.63 25.17 -1.37
CA VAL B 67 -21.05 25.40 -2.68
C VAL B 67 -22.07 24.94 -3.73
N GLU B 69 -25.36 24.64 -3.48
CA GLU B 69 -26.53 25.52 -3.57
C GLU B 69 -26.23 26.81 -4.29
N LEU B 70 -25.02 27.32 -4.10
CA LEU B 70 -24.60 28.55 -4.74
C LEU B 70 -24.42 28.30 -6.24
N GLU B 71 -23.80 27.18 -6.59
CA GLU B 71 -23.52 26.84 -7.99
C GLU B 71 -24.82 26.66 -8.77
N SER B 72 -25.84 26.11 -8.09
CA SER B 72 -27.15 25.78 -8.65
C SER B 72 -27.95 27.04 -8.95
N LYS B 73 -27.85 28.00 -8.06
CA LYS B 73 -28.49 29.30 -8.26
C LYS B 73 -27.77 30.02 -9.40
N LEU B 74 -26.46 29.79 -9.53
CA LEU B 74 -25.65 30.36 -10.61
C LEU B 74 -25.86 29.57 -11.91
N ASN B 75 -26.18 28.27 -11.81
CA ASN B 75 -26.34 27.41 -12.98
C ASN B 75 -27.65 27.75 -13.70
N GLU B 76 -28.73 27.98 -12.95
CA GLU B 76 -29.98 28.40 -13.56
C GLU B 76 -29.88 29.85 -14.08
N ALA B 77 -29.04 30.68 -13.46
CA ALA B 77 -28.87 32.12 -13.77
C ALA B 77 -28.20 32.47 -15.10
N VAL C 4 26.15 -7.55 -2.27
CA VAL C 4 25.64 -6.51 -3.24
C VAL C 4 25.36 -7.14 -4.61
N LEU C 5 24.29 -6.68 -5.29
CA LEU C 5 23.87 -7.33 -6.53
C LEU C 5 24.78 -7.10 -7.74
N SER C 6 25.26 -8.23 -8.22
CA SER C 6 26.04 -8.32 -9.44
C SER C 6 25.17 -7.83 -10.57
N GLN C 7 25.82 -7.54 -11.70
CA GLN C 7 25.06 -7.14 -12.88
C GLN C 7 24.15 -8.31 -13.26
N ARG C 8 24.62 -9.55 -13.21
CA ARG C 8 23.79 -10.72 -13.50
C ARG C 8 22.55 -10.79 -12.60
N GLN C 9 22.74 -10.69 -11.29
CA GLN C 9 21.69 -10.88 -10.33
C GLN C 9 20.69 -9.72 -10.42
N ARG C 10 21.19 -8.52 -10.69
CA ARG C 10 20.31 -7.38 -10.89
C ARG C 10 19.42 -7.55 -12.13
N ASP C 11 20.06 -8.07 -13.17
CA ASP C 11 19.33 -8.32 -14.42
C ASP C 11 18.27 -9.38 -14.19
N GLU C 12 18.52 -10.38 -13.36
CA GLU C 12 17.61 -11.48 -13.06
C GLU C 12 16.39 -10.89 -12.28
N LEU C 13 16.71 -10.02 -11.33
CA LEU C 13 15.63 -9.33 -10.60
C LEU C 13 14.81 -8.46 -11.53
N ASN C 14 15.46 -7.69 -12.39
CA ASN C 14 14.70 -6.86 -13.34
C ASN C 14 13.80 -7.68 -14.28
N ARG C 15 14.32 -8.82 -14.75
CA ARG C 15 13.50 -9.72 -15.55
C ARG C 15 12.30 -10.28 -14.78
N ALA C 16 12.51 -10.57 -13.47
CA ALA C 16 11.43 -11.05 -12.61
C ALA C 16 10.35 -9.98 -12.47
N ILE C 17 10.78 -8.73 -12.33
CA ILE C 17 9.85 -7.62 -12.24
C ILE C 17 9.13 -7.45 -13.58
N ALA C 18 9.84 -7.47 -14.69
CA ALA C 18 9.21 -7.30 -15.99
C ALA C 18 8.10 -8.35 -16.20
N ASP C 19 8.44 -9.60 -15.92
CA ASP C 19 7.51 -10.69 -16.10
C ASP C 19 6.30 -10.54 -15.19
N TYR C 20 6.50 -10.04 -13.99
CA TYR C 20 5.39 -9.77 -13.06
C TYR C 20 4.42 -8.76 -13.67
N LEU C 21 4.98 -7.71 -14.23
CA LEU C 21 4.18 -6.64 -14.80
C LEU C 21 3.36 -7.18 -15.97
N ARG C 22 4.01 -7.91 -16.88
CA ARG C 22 3.32 -8.46 -18.05
C ARG C 22 2.23 -9.42 -17.65
N SER C 23 2.60 -10.37 -16.80
CA SER C 23 1.79 -11.52 -16.46
C SER C 23 0.57 -11.12 -15.62
N ASN C 24 0.65 -9.97 -14.94
CA ASN C 24 -0.38 -9.50 -14.05
C ASN C 24 -1.21 -8.36 -14.61
N GLY C 25 -1.07 -7.99 -15.85
CA GLY C 25 -1.89 -7.00 -16.51
C GLY C 25 -1.40 -5.58 -16.45
N TYR C 26 -0.20 -5.33 -15.92
CA TYR C 26 0.30 -3.99 -15.85
C TYR C 26 1.02 -3.76 -17.13
N GLU C 27 0.30 -3.69 -18.25
CA GLU C 27 0.98 -3.84 -19.52
C GLU C 27 1.72 -2.62 -19.96
N GLU C 28 1.17 -1.45 -19.63
CA GLU C 28 1.85 -0.23 -19.98
C GLU C 28 3.16 -0.09 -19.18
N ALA C 29 3.09 -0.43 -17.90
CA ALA C 29 4.31 -0.42 -17.08
C ALA C 29 5.40 -1.39 -17.60
N TYR C 30 4.97 -2.55 -18.10
CA TYR C 30 5.81 -3.58 -18.68
C TYR C 30 6.51 -2.96 -19.87
N SER C 31 5.71 -2.35 -20.76
CA SER C 31 6.28 -1.79 -21.99
C SER C 31 7.30 -0.73 -21.70
N VAL C 32 6.99 0.12 -20.71
CA VAL C 32 7.85 1.22 -20.36
C VAL C 32 9.13 0.76 -19.66
N PHE C 33 8.98 -0.20 -18.77
CA PHE C 33 10.10 -0.69 -18.01
C PHE C 33 11.13 -1.38 -18.95
N LYS C 34 10.64 -2.17 -19.88
CA LYS C 34 11.51 -2.85 -20.85
C LYS C 34 12.35 -1.83 -21.59
N LYS C 35 11.77 -0.69 -21.97
CA LYS C 35 12.50 0.40 -22.64
C LYS C 35 13.52 1.06 -21.75
N GLU C 36 13.12 1.41 -20.53
CA GLU C 36 13.95 2.10 -19.57
C GLU C 36 15.09 1.32 -19.02
N ALA C 37 14.83 0.03 -18.83
CA ALA C 37 15.85 -0.83 -18.30
C ALA C 37 16.68 -1.53 -19.40
N GLU C 38 16.28 -1.27 -20.63
CA GLU C 38 16.83 -1.86 -21.86
C GLU C 38 16.97 -3.38 -21.73
N LEU C 39 15.80 -3.93 -21.44
CA LEU C 39 15.57 -5.32 -21.12
C LEU C 39 14.87 -6.02 -22.24
N ASP C 40 15.53 -7.01 -22.80
CA ASP C 40 15.00 -7.82 -23.91
C ASP C 40 14.36 -8.97 -23.19
N ASN C 42 13.10 -11.85 -24.99
CA ASN C 42 12.88 -12.60 -26.19
C ASN C 42 13.21 -14.09 -26.17
N GLU C 43 13.88 -14.53 -25.11
CA GLU C 43 14.40 -15.87 -25.01
C GLU C 43 13.42 -16.86 -24.42
N GLU C 44 13.48 -18.12 -24.86
CA GLU C 44 12.61 -19.16 -24.33
C GLU C 44 12.92 -19.28 -22.84
N LEU C 45 14.21 -19.19 -22.50
CA LEU C 45 14.69 -19.01 -21.12
C LEU C 45 13.98 -17.97 -20.25
N ASP C 46 13.63 -16.81 -20.80
CA ASP C 46 12.87 -15.77 -20.11
C ASP C 46 11.49 -16.21 -19.55
N LYS C 47 10.99 -17.34 -20.02
CA LYS C 47 9.74 -17.91 -19.52
C LYS C 47 9.88 -18.41 -18.08
N LYS C 48 11.10 -18.72 -17.67
CA LYS C 48 11.44 -19.03 -16.28
C LYS C 48 11.01 -17.96 -15.29
N TYR C 49 10.91 -16.71 -15.71
CA TYR C 49 10.59 -15.66 -14.74
C TYR C 49 9.10 -15.61 -14.39
N ALA C 50 8.25 -16.40 -15.07
CA ALA C 50 6.82 -16.50 -14.83
C ALA C 50 6.56 -16.88 -13.38
N GLY C 51 5.91 -15.99 -12.66
CA GLY C 51 5.61 -16.21 -11.26
C GLY C 51 6.74 -16.12 -10.26
N LEU C 52 7.97 -15.92 -10.72
CA LEU C 52 9.12 -15.95 -9.84
C LEU C 52 9.13 -14.85 -8.77
N LEU C 53 8.80 -13.63 -9.14
CA LEU C 53 8.80 -12.51 -8.19
C LEU C 53 7.78 -12.80 -7.09
N GLU C 54 6.55 -13.22 -7.39
CA GLU C 54 5.53 -13.50 -6.38
C GLU C 54 6.04 -14.62 -5.43
N LYS C 55 6.69 -15.57 -6.07
CA LYS C 55 7.21 -16.73 -5.33
C LYS C 55 8.23 -16.32 -4.30
N LYS C 56 9.23 -15.58 -4.74
CA LYS C 56 10.22 -15.07 -3.81
C LYS C 56 9.67 -14.09 -2.78
N TRP C 57 8.75 -13.21 -3.18
CA TRP C 57 8.12 -12.35 -2.21
C TRP C 57 7.52 -13.07 -0.99
N THR C 58 6.99 -14.26 -1.18
CA THR C 58 6.27 -15.01 -0.17
C THR C 58 7.06 -16.19 0.39
N SER C 59 8.37 -16.25 0.20
CA SER C 59 9.10 -17.47 0.49
C SER C 59 9.88 -17.45 1.79
N VAL C 60 10.06 -16.28 2.39
CA VAL C 60 11.10 -16.26 3.47
C VAL C 60 10.82 -17.19 4.67
N ILE C 61 9.60 -17.12 5.19
CA ILE C 61 9.22 -17.95 6.33
C ILE C 61 9.21 -19.43 5.95
N ARG C 62 8.63 -19.80 4.82
CA ARG C 62 8.70 -21.19 4.32
C ARG C 62 10.11 -21.73 4.20
N LEU C 63 11.00 -20.90 3.69
CA LEU C 63 12.39 -21.32 3.53
C LEU C 63 13.14 -21.44 4.85
N GLN C 64 12.84 -20.54 5.78
CA GLN C 64 13.42 -20.63 7.12
C GLN C 64 12.97 -21.94 7.75
N LYS C 65 11.67 -22.21 7.62
CA LYS C 65 11.12 -23.46 8.17
C LYS C 65 11.80 -24.67 7.57
N LYS C 66 12.04 -24.68 6.26
CA LYS C 66 12.69 -25.79 5.57
C LYS C 66 14.13 -25.95 6.02
N VAL C 67 14.84 -24.85 6.21
CA VAL C 67 16.19 -24.91 6.73
C VAL C 67 16.19 -25.65 8.07
N GLU C 69 13.91 -27.66 9.34
CA GLU C 69 13.43 -29.02 9.14
C GLU C 69 14.64 -29.86 8.75
N LEU C 70 15.44 -29.36 7.80
CA LEU C 70 16.55 -30.16 7.28
C LEU C 70 17.69 -30.29 8.29
N GLU C 71 18.03 -29.20 8.98
CA GLU C 71 18.92 -29.31 10.14
C GLU C 71 18.53 -30.37 11.17
N SER C 72 17.22 -30.49 11.44
CA SER C 72 16.69 -31.47 12.37
C SER C 72 16.89 -32.87 11.78
N LYS C 73 16.55 -33.08 10.52
CA LYS C 73 16.75 -34.37 9.85
C LYS C 73 18.21 -34.80 9.82
N LEU C 74 19.09 -33.85 9.56
CA LEU C 74 20.52 -34.12 9.43
C LEU C 74 21.08 -34.53 10.78
N ASN C 75 20.67 -33.78 11.81
CA ASN C 75 21.08 -34.07 13.18
C ASN C 75 20.53 -35.43 13.62
N GLU C 76 19.27 -35.73 13.29
CA GLU C 76 18.68 -37.03 13.59
C GLU C 76 19.47 -38.12 12.85
N ALA C 77 19.88 -37.92 11.61
CA ALA C 77 20.62 -38.89 10.81
C ALA C 77 21.98 -39.16 11.43
N LYS C 78 22.57 -38.15 12.05
CA LYS C 78 23.85 -38.24 12.77
C LYS C 78 23.71 -38.87 14.16
N GLU C 79 22.59 -38.65 14.84
CA GLU C 79 22.22 -39.28 16.11
C GLU C 79 21.97 -40.77 15.94
N GLU C 80 21.33 -41.13 14.83
CA GLU C 80 21.15 -42.50 14.39
C GLU C 80 22.37 -42.90 13.57
N PHE C 81 23.57 -42.58 14.06
CA PHE C 81 24.89 -42.94 13.53
C PHE C 81 24.84 -44.24 12.75
N VAL D 4 -1.83 -17.05 -6.34
CA VAL D 4 -2.87 -16.23 -5.74
C VAL D 4 -2.39 -15.51 -4.48
N LEU D 5 -1.92 -14.30 -4.70
CA LEU D 5 -1.65 -13.43 -3.56
C LEU D 5 -2.98 -12.81 -3.10
N SER D 6 -3.09 -12.62 -1.81
CA SER D 6 -4.18 -11.78 -1.32
C SER D 6 -4.06 -10.35 -1.81
N GLN D 7 -5.15 -9.60 -1.72
CA GLN D 7 -5.00 -8.20 -2.06
C GLN D 7 -3.97 -7.47 -1.20
N ARG D 8 -3.90 -7.80 0.09
CA ARG D 8 -2.90 -7.24 1.02
C ARG D 8 -1.49 -7.51 0.52
N GLN D 9 -1.21 -8.78 0.21
CA GLN D 9 0.10 -9.15 -0.31
C GLN D 9 0.36 -8.48 -1.64
N ARG D 10 -0.63 -8.40 -2.52
CA ARG D 10 -0.39 -7.80 -3.83
C ARG D 10 -0.13 -6.30 -3.69
N ASP D 11 -0.85 -5.59 -2.83
CA ASP D 11 -0.62 -4.17 -2.65
C ASP D 11 0.73 -3.90 -1.99
N GLU D 12 1.16 -4.74 -1.06
CA GLU D 12 2.46 -4.60 -0.42
C GLU D 12 3.56 -4.83 -1.45
N LEU D 13 3.42 -5.90 -2.22
CA LEU D 13 4.36 -6.21 -3.29
C LEU D 13 4.47 -5.09 -4.33
N ASN D 14 3.31 -4.60 -4.73
CA ASN D 14 3.29 -3.52 -5.72
C ASN D 14 3.94 -2.26 -5.20
N ARG D 15 3.74 -1.91 -3.93
CA ARG D 15 4.49 -0.82 -3.34
C ARG D 15 6.01 -1.04 -3.34
N ALA D 16 6.46 -2.24 -3.01
CA ALA D 16 7.87 -2.60 -3.07
C ALA D 16 8.36 -2.48 -4.52
N ILE D 17 7.60 -2.86 -5.51
CA ILE D 17 8.01 -2.73 -6.93
C ILE D 17 8.08 -1.29 -7.31
N ALA D 18 7.08 -0.51 -6.93
CA ALA D 18 7.10 0.89 -7.30
C ALA D 18 8.29 1.62 -6.69
N ASP D 19 8.60 1.39 -5.42
CA ASP D 19 9.69 1.99 -4.73
C ASP D 19 11.04 1.54 -5.24
N TYR D 20 11.16 0.33 -5.73
CA TYR D 20 12.31 -0.22 -6.43
C TYR D 20 12.51 0.55 -7.73
N LEU D 21 11.46 0.75 -8.50
CA LEU D 21 11.55 1.47 -9.78
C LEU D 21 12.07 2.87 -9.56
N ARG D 22 11.44 3.53 -8.59
CA ARG D 22 11.82 4.92 -8.27
C ARG D 22 13.28 5.02 -7.82
N SER D 23 13.69 4.22 -6.84
CA SER D 23 15.05 4.26 -6.27
C SER D 23 16.13 3.83 -7.24
N ASN D 24 15.76 3.08 -8.28
CA ASN D 24 16.74 2.56 -9.23
C ASN D 24 16.78 3.32 -10.57
N GLY D 25 16.10 4.45 -10.66
CA GLY D 25 16.13 5.36 -11.78
C GLY D 25 15.13 5.15 -12.89
N TYR D 26 14.19 4.24 -12.65
CA TYR D 26 13.19 3.92 -13.70
C TYR D 26 11.97 4.75 -13.47
N GLU D 27 12.05 6.06 -13.70
CA GLU D 27 11.02 6.95 -13.24
C GLU D 27 9.73 6.96 -14.01
N GLU D 28 9.87 6.72 -15.30
CA GLU D 28 8.64 6.63 -16.08
C GLU D 28 7.89 5.35 -15.78
N ALA D 29 8.60 4.24 -15.63
CA ALA D 29 7.97 3.02 -15.15
C ALA D 29 7.28 3.20 -13.82
N TYR D 30 8.00 3.94 -12.98
CA TYR D 30 7.39 4.19 -11.66
C TYR D 30 6.06 4.93 -11.79
N SER D 31 6.03 6.00 -12.57
CA SER D 31 4.84 6.80 -12.81
C SER D 31 3.65 6.01 -13.32
N VAL D 32 3.92 5.23 -14.37
CA VAL D 32 2.92 4.41 -15.02
C VAL D 32 2.38 3.38 -14.09
N PHE D 33 3.29 2.69 -13.39
CA PHE D 33 2.93 1.58 -12.56
C PHE D 33 2.17 2.05 -11.32
N LYS D 34 2.55 3.19 -10.72
CA LYS D 34 1.84 3.65 -9.53
C LYS D 34 0.40 3.92 -9.83
N LYS D 35 0.15 4.42 -11.04
CA LYS D 35 -1.25 4.64 -11.42
C LYS D 35 -1.96 3.34 -11.75
N GLU D 36 -1.35 2.40 -12.49
CA GLU D 36 -1.95 1.11 -12.80
C GLU D 36 -2.27 0.35 -11.54
N ALA D 37 -1.40 0.48 -10.56
CA ALA D 37 -1.53 -0.25 -9.29
C ALA D 37 -2.35 0.51 -8.27
N GLU D 38 -2.80 1.71 -8.61
CA GLU D 38 -3.66 2.57 -7.82
C GLU D 38 -3.01 2.83 -6.45
N LEU D 39 -1.72 3.14 -6.46
CA LEU D 39 -0.97 3.47 -5.26
C LEU D 39 -0.81 4.95 -5.11
N ASP D 40 -1.06 5.45 -3.92
CA ASP D 40 -0.72 6.81 -3.59
C ASP D 40 0.66 6.84 -2.95
N ASN D 42 3.38 7.84 -0.33
CA ASN D 42 3.31 8.06 1.12
C ASN D 42 4.75 7.98 1.64
N GLU D 43 5.41 9.13 1.73
CA GLU D 43 6.88 9.12 1.87
C GLU D 43 7.38 8.43 3.13
N GLU D 44 6.66 8.59 4.23
CA GLU D 44 7.03 7.93 5.48
C GLU D 44 7.14 6.41 5.36
N LEU D 45 6.22 5.84 4.59
CA LEU D 45 6.31 4.42 4.31
C LEU D 45 7.19 4.02 3.14
N ASP D 46 7.17 4.79 2.05
CA ASP D 46 7.89 4.48 0.83
C ASP D 46 9.40 4.48 1.09
N LYS D 47 9.92 5.28 2.01
CA LYS D 47 11.35 5.28 2.25
C LYS D 47 11.77 3.90 2.84
N LYS D 48 10.89 3.26 3.58
CA LYS D 48 11.07 1.94 4.24
C LYS D 48 10.93 0.80 3.23
N TYR D 49 10.15 1.01 2.18
CA TYR D 49 10.02 0.11 1.09
C TYR D 49 11.12 0.26 0.04
N ALA D 50 11.86 1.35 -0.17
CA ALA D 50 12.78 1.47 -1.34
C ALA D 50 13.72 0.31 -1.70
N GLY D 51 14.33 -0.27 -0.66
CA GLY D 51 15.26 -1.40 -0.75
C GLY D 51 14.71 -2.76 -0.39
N LEU D 52 13.41 -2.78 -0.13
CA LEU D 52 12.73 -3.98 0.38
C LEU D 52 12.74 -5.11 -0.64
N LEU D 53 12.38 -4.81 -1.88
CA LEU D 53 12.39 -5.82 -2.91
C LEU D 53 13.75 -6.44 -3.11
N GLU D 54 14.84 -5.68 -3.17
CA GLU D 54 16.23 -6.08 -3.29
C GLU D 54 16.61 -6.92 -2.06
N LYS D 55 16.22 -6.45 -0.88
CA LYS D 55 16.54 -7.21 0.34
C LYS D 55 15.82 -8.58 0.38
N LYS D 56 14.54 -8.63 0.05
CA LYS D 56 13.72 -9.85 0.01
C LYS D 56 14.37 -10.81 -1.00
N TRP D 57 14.64 -10.32 -2.21
CA TRP D 57 15.22 -11.11 -3.27
C TRP D 57 16.50 -11.76 -2.78
N THR D 58 17.41 -11.01 -2.21
CA THR D 58 18.69 -11.55 -1.83
C THR D 58 18.60 -12.48 -0.61
N SER D 59 17.75 -12.17 0.36
CA SER D 59 17.48 -13.03 1.51
C SER D 59 16.98 -14.42 1.09
N VAL D 60 16.08 -14.38 0.12
CA VAL D 60 15.48 -15.59 -0.42
C VAL D 60 16.55 -16.41 -1.15
N ILE D 61 17.31 -15.78 -2.04
CA ILE D 61 18.38 -16.54 -2.69
C ILE D 61 19.36 -17.18 -1.70
N ARG D 62 19.76 -16.46 -0.66
CA ARG D 62 20.61 -16.94 0.41
C ARG D 62 20.02 -18.16 1.11
N LEU D 63 18.74 -18.11 1.46
CA LEU D 63 18.06 -19.26 2.08
C LEU D 63 17.95 -20.43 1.11
N GLN D 64 17.68 -20.18 -0.16
CA GLN D 64 17.58 -21.24 -1.16
C GLN D 64 18.93 -21.99 -1.25
N LYS D 65 20.00 -21.21 -1.16
CA LYS D 65 21.36 -21.77 -1.23
C LYS D 65 21.65 -22.66 -0.02
N LYS D 66 21.19 -22.23 1.15
CA LYS D 66 21.34 -22.97 2.38
C LYS D 66 20.51 -24.23 2.30
N VAL D 67 19.27 -24.17 1.82
CA VAL D 67 18.48 -25.38 1.68
C VAL D 67 19.17 -26.40 0.76
N GLU D 69 22.35 -26.76 0.13
CA GLU D 69 23.52 -27.31 0.82
C GLU D 69 23.14 -28.39 1.85
N LEU D 70 22.10 -28.09 2.59
CA LEU D 70 21.54 -29.03 3.57
C LEU D 70 20.98 -30.27 2.93
N GLU D 71 20.33 -30.09 1.79
CA GLU D 71 19.74 -31.21 1.08
C GLU D 71 20.83 -32.15 0.57
N SER D 72 21.91 -31.55 0.08
CA SER D 72 23.09 -32.33 -0.34
C SER D 72 23.70 -33.17 0.80
N LYS D 73 23.87 -32.54 1.95
CA LYS D 73 24.37 -33.24 3.14
C LYS D 73 23.47 -34.38 3.57
N LEU D 74 22.17 -34.12 3.51
CA LEU D 74 21.20 -35.14 3.87
C LEU D 74 21.12 -36.29 2.85
N ASN D 75 21.31 -36.03 1.56
CA ASN D 75 21.34 -37.13 0.60
C ASN D 75 22.60 -37.95 0.83
N GLU D 76 23.71 -37.33 1.21
CA GLU D 76 24.94 -38.08 1.52
C GLU D 76 24.76 -39.04 2.69
N ALA D 77 24.12 -38.49 3.72
CA ALA D 77 23.76 -39.24 4.91
C ALA D 77 22.90 -40.43 4.49
N LYS D 78 21.88 -40.24 3.67
CA LYS D 78 21.02 -41.39 3.29
C LYS D 78 21.78 -42.38 2.44
N GLU D 79 22.71 -41.94 1.60
CA GLU D 79 23.53 -42.84 0.77
C GLU D 79 24.52 -43.66 1.62
N GLU D 80 24.90 -43.12 2.77
CA GLU D 80 25.83 -43.71 3.73
C GLU D 80 25.20 -44.92 4.38
N PHE D 81 23.93 -44.74 4.74
CA PHE D 81 23.09 -45.78 5.32
C PHE D 81 22.25 -46.38 4.17
#